data_7JGO
#
_entry.id   7JGO
#
_cell.length_a   156.082
_cell.length_b   156.082
_cell.length_c   156.082
_cell.angle_alpha   90.000
_cell.angle_beta   90.000
_cell.angle_gamma   90.000
#
_symmetry.space_group_name_H-M   'I 4 3 2'
#
loop_
_entity.id
_entity.type
_entity.pdbx_description
1 polymer 'Ferritin heavy chain'
2 non-polymer N~2~,N~5~-dihydroxyfuran-2,5-dicarboxamide
3 non-polymer 'NICKEL (II) ION'
4 non-polymer 'SODIUM ION'
5 water water
#
_entity_poly.entity_id   1
_entity_poly.type   'polypeptide(L)'
_entity_poly.pdbx_seq_one_letter_code
;TTASTSQVRQNYHQDSEAAINRQINLELYASYVYLSMSYYFDRDDVALKNFAKYFLHQSHEEREHAEKLMKLQNQRGGRI
FLQDIQKPDEDDWESGLNAMEAALHLEKNVNQSLLELHKLAHDKNDPHLADFIETHYLNEQVKAIKELGDHVTNLRKMGA
PESGLAEYLFDKHTLGDSDNES
;
_entity_poly.pdbx_strand_id   A
#
loop_
_chem_comp.id
_chem_comp.type
_chem_comp.name
_chem_comp.formula
NA non-polymer 'SODIUM ION' 'Na 1'
NI non-polymer 'NICKEL (II) ION' 'Ni 2'
V9Y non-polymer N~2~,N~5~-dihydroxyfuran-2,5-dicarboxamide 'C6 H6 N2 O5'
#
# COMPACT_ATOMS: atom_id res chain seq x y z
N THR A 5 -15.13 16.83 -24.54
CA THR A 5 -14.95 15.56 -23.83
C THR A 5 -14.19 14.56 -24.70
N SER A 6 -13.39 13.70 -24.04
CA SER A 6 -12.48 12.81 -24.74
C SER A 6 -13.20 11.83 -25.66
N GLN A 7 -12.61 11.60 -26.84
CA GLN A 7 -13.22 10.78 -27.88
C GLN A 7 -13.39 9.32 -27.47
N VAL A 8 -12.59 8.85 -26.51
CA VAL A 8 -12.65 7.45 -26.12
C VAL A 8 -13.63 7.19 -24.98
N ARG A 9 -14.12 8.24 -24.32
CA ARG A 9 -14.91 8.02 -23.12
C ARG A 9 -16.21 7.31 -23.47
N GLN A 10 -16.55 6.31 -22.66
CA GLN A 10 -17.78 5.57 -22.85
C GLN A 10 -18.10 4.89 -21.53
N ASN A 11 -19.30 5.17 -21.01
CA ASN A 11 -19.80 4.56 -19.78
C ASN A 11 -18.88 4.84 -18.59
N TYR A 12 -18.20 5.98 -18.57
CA TYR A 12 -17.27 6.31 -17.50
C TYR A 12 -17.83 7.49 -16.71
N HIS A 13 -18.43 7.20 -15.56
CA HIS A 13 -19.07 8.23 -14.77
C HIS A 13 -18.03 9.14 -14.12
N GLN A 14 -18.34 10.43 -14.02
CA GLN A 14 -17.41 11.38 -13.41
C GLN A 14 -17.17 11.08 -11.93
N ASP A 15 -18.14 10.45 -11.25
CA ASP A 15 -17.90 10.01 -9.88
C ASP A 15 -16.79 8.97 -9.83
N SER A 16 -16.81 8.03 -10.78
CA SER A 16 -15.72 7.06 -10.92
C SER A 16 -14.40 7.77 -11.16
N GLU A 17 -14.40 8.75 -12.08
CA GLU A 17 -13.19 9.49 -12.40
C GLU A 17 -12.59 10.12 -11.14
N ALA A 18 -13.44 10.72 -10.30
CA ALA A 18 -12.95 11.32 -9.06
C ALA A 18 -12.41 10.25 -8.10
N ALA A 19 -13.10 9.12 -7.99
CA ALA A 19 -12.60 8.05 -7.13
C ALA A 19 -11.22 7.56 -7.59
N ILE A 20 -11.04 7.42 -8.90
CA ILE A 20 -9.75 6.98 -9.44
C ILE A 20 -8.66 7.98 -9.08
N ASN A 21 -8.94 9.29 -9.25
CA ASN A 21 -7.92 10.28 -8.90
C ASN A 21 -7.55 10.21 -7.42
N ARG A 22 -8.55 9.99 -6.56
CA ARG A 22 -8.28 9.88 -5.12
C ARG A 22 -7.46 8.63 -4.81
N GLN A 23 -7.77 7.52 -5.49
CA GLN A 23 -7.05 6.27 -5.25
C GLN A 23 -5.60 6.39 -5.70
N ILE A 24 -5.37 7.06 -6.84
CA ILE A 24 -4.01 7.38 -7.27
C ILE A 24 -3.25 8.09 -6.16
N ASN A 25 -3.85 9.18 -5.63
CA ASN A 25 -3.17 9.89 -4.56
C ASN A 25 -2.87 8.98 -3.37
N LEU A 26 -3.81 8.10 -3.02
CA LEU A 26 -3.61 7.27 -1.84
C LEU A 26 -2.51 6.24 -2.06
N GLU A 27 -2.44 5.64 -3.25
CA GLU A 27 -1.37 4.70 -3.53
C GLU A 27 -0.01 5.38 -3.46
N LEU A 28 0.07 6.62 -3.98
CA LEU A 28 1.32 7.37 -3.87
C LEU A 28 1.67 7.64 -2.41
N TYR A 29 0.68 8.03 -1.60
CA TYR A 29 0.91 8.23 -0.17
C TYR A 29 1.48 6.98 0.48
N ALA A 30 0.88 5.82 0.19
CA ALA A 30 1.35 4.56 0.77
C ALA A 30 2.79 4.30 0.36
N SER A 31 3.12 4.55 -0.91
CA SER A 31 4.51 4.41 -1.35
C SER A 31 5.43 5.27 -0.51
N TYR A 32 5.02 6.52 -0.23
CA TYR A 32 5.81 7.41 0.62
C TYR A 32 5.95 6.84 2.05
N VAL A 33 4.89 6.25 2.58
CA VAL A 33 4.97 5.69 3.93
C VAL A 33 5.98 4.55 3.97
N TYR A 34 5.96 3.70 2.94
CA TYR A 34 6.86 2.54 2.91
C TYR A 34 8.31 2.97 2.71
N LEU A 35 8.53 4.00 1.89
CA LEU A 35 9.85 4.60 1.77
C LEU A 35 10.36 5.05 3.13
N SER A 36 9.50 5.75 3.88
CA SER A 36 9.84 6.19 5.23
C SER A 36 10.30 5.02 6.08
N MET A 37 9.46 3.99 6.19
CA MET A 37 9.78 2.85 7.05
C MET A 37 11.09 2.20 6.64
N SER A 38 11.26 1.97 5.33
CA SER A 38 12.49 1.35 4.83
C SER A 38 13.71 2.11 5.33
N TYR A 39 13.80 3.40 5.02
CA TYR A 39 15.01 4.07 5.45
C TYR A 39 15.07 4.29 6.97
N TYR A 40 13.97 4.10 7.69
CA TYR A 40 14.10 4.04 9.14
C TYR A 40 14.84 2.78 9.60
N PHE A 41 14.70 1.67 8.85
CA PHE A 41 15.49 0.51 9.28
C PHE A 41 16.92 0.54 8.77
N ASP A 42 17.28 1.52 7.94
CA ASP A 42 18.64 1.69 7.50
C ASP A 42 19.50 2.43 8.52
N ARG A 43 18.90 2.99 9.57
CA ARG A 43 19.64 3.81 10.51
CA ARG A 43 19.64 3.81 10.53
C ARG A 43 20.65 2.97 11.30
N ASP A 44 21.79 3.60 11.61
CA ASP A 44 22.83 2.89 12.34
C ASP A 44 22.40 2.51 13.75
N ASP A 45 21.34 3.12 14.28
CA ASP A 45 20.83 2.76 15.60
C ASP A 45 19.59 1.87 15.52
N VAL A 46 19.24 1.39 14.33
CA VAL A 46 18.20 0.39 14.14
C VAL A 46 18.81 -0.81 13.44
N ALA A 47 19.32 -0.57 12.22
CA ALA A 47 20.19 -1.51 11.48
C ALA A 47 19.52 -2.87 11.28
N LEU A 48 18.48 -2.88 10.43
CA LEU A 48 17.77 -4.11 10.05
C LEU A 48 17.65 -4.15 8.53
N LYS A 49 18.73 -4.64 7.90
CA LYS A 49 18.87 -4.57 6.44
C LYS A 49 17.69 -5.21 5.73
N ASN A 50 17.21 -6.34 6.23
CA ASN A 50 16.16 -7.07 5.52
C ASN A 50 14.78 -6.44 5.71
N PHE A 51 14.49 -5.91 6.90
CA PHE A 51 13.32 -5.04 7.04
C PHE A 51 13.36 -3.90 6.03
N ALA A 52 14.53 -3.28 5.87
CA ALA A 52 14.68 -2.17 4.92
C ALA A 52 14.38 -2.62 3.50
N LYS A 53 15.00 -3.73 3.06
CA LYS A 53 14.69 -4.29 1.75
C LYS A 53 13.19 -4.52 1.59
N TYR A 54 12.57 -5.11 2.62
CA TYR A 54 11.16 -5.48 2.54
C TYR A 54 10.30 -4.25 2.28
N PHE A 55 10.48 -3.21 3.07
CA PHE A 55 9.61 -2.04 2.93
C PHE A 55 9.95 -1.23 1.68
N LEU A 56 11.21 -1.27 1.22
CA LEU A 56 11.54 -0.64 -0.07
C LEU A 56 10.83 -1.34 -1.23
N HIS A 57 10.87 -2.68 -1.24
CA HIS A 57 10.12 -3.43 -2.23
C HIS A 57 8.64 -3.07 -2.19
N GLN A 58 8.06 -3.00 -0.98
CA GLN A 58 6.64 -2.68 -0.88
C GLN A 58 6.35 -1.27 -1.36
N SER A 59 7.28 -0.34 -1.13
CA SER A 59 7.16 1.02 -1.64
C SER A 59 7.08 1.03 -3.16
N HIS A 60 7.99 0.31 -3.81
CA HIS A 60 7.97 0.30 -5.26
C HIS A 60 6.72 -0.39 -5.80
N GLU A 61 6.22 -1.40 -5.09
CA GLU A 61 4.98 -2.05 -5.54
C GLU A 61 3.80 -1.08 -5.49
N GLU A 62 3.71 -0.29 -4.41
CA GLU A 62 2.63 0.70 -4.34
C GLU A 62 2.78 1.76 -5.43
N ARG A 63 4.02 2.17 -5.73
CA ARG A 63 4.24 3.10 -6.85
C ARG A 63 3.68 2.52 -8.15
N GLU A 64 3.91 1.24 -8.39
CA GLU A 64 3.34 0.64 -9.59
C GLU A 64 1.82 0.55 -9.52
N HIS A 65 1.25 0.35 -8.33
CA HIS A 65 -0.21 0.46 -8.17
C HIS A 65 -0.71 1.79 -8.72
N ALA A 66 -0.08 2.87 -8.25
CA ALA A 66 -0.47 4.20 -8.70
C ALA A 66 -0.39 4.32 -10.22
N GLU A 67 0.75 3.92 -10.81
CA GLU A 67 0.92 4.08 -12.25
C GLU A 67 -0.10 3.28 -13.04
N LYS A 68 -0.39 2.04 -12.59
CA LYS A 68 -1.44 1.25 -13.23
C LYS A 68 -2.76 2.01 -13.24
N LEU A 69 -3.10 2.67 -12.11
CA LEU A 69 -4.35 3.43 -12.05
C LEU A 69 -4.32 4.63 -13.01
N MET A 70 -3.18 5.33 -13.09
CA MET A 70 -3.11 6.48 -14.01
C MET A 70 -3.31 6.05 -15.45
N LYS A 71 -2.73 4.91 -15.83
CA LYS A 71 -2.93 4.41 -17.19
C LYS A 71 -4.38 4.01 -17.42
N LEU A 72 -5.02 3.39 -16.41
CA LEU A 72 -6.44 3.08 -16.48
C LEU A 72 -7.25 4.35 -16.73
N GLN A 73 -6.94 5.41 -15.99
CA GLN A 73 -7.64 6.68 -16.12
C GLN A 73 -7.57 7.19 -17.55
N ASN A 74 -6.35 7.32 -18.10
CA ASN A 74 -6.23 7.79 -19.49
C ASN A 74 -6.93 6.84 -20.47
N GLN A 75 -7.02 5.56 -20.13
CA GLN A 75 -7.65 4.61 -21.04
C GLN A 75 -9.15 4.82 -21.13
N ARG A 76 -9.79 5.14 -20.01
CA ARG A 76 -11.24 5.28 -20.00
C ARG A 76 -11.70 6.63 -20.53
N GLY A 77 -10.82 7.60 -20.63
CA GLY A 77 -11.17 8.94 -21.08
C GLY A 77 -11.13 9.99 -20.00
N GLY A 78 -10.96 9.58 -18.74
CA GLY A 78 -10.82 10.54 -17.67
C GLY A 78 -9.51 11.29 -17.77
N ARG A 79 -9.36 12.27 -16.88
CA ARG A 79 -8.16 13.11 -16.85
C ARG A 79 -7.52 13.06 -15.48
N ILE A 80 -6.21 12.81 -15.46
CA ILE A 80 -5.46 12.67 -14.22
C ILE A 80 -5.27 14.03 -13.58
N PHE A 81 -5.64 14.15 -12.31
CA PHE A 81 -5.41 15.36 -11.53
C PHE A 81 -4.63 15.00 -10.29
N LEU A 82 -3.37 15.44 -10.24
CA LEU A 82 -2.48 15.09 -9.15
C LEU A 82 -2.65 16.09 -8.02
N GLN A 83 -2.56 15.59 -6.78
CA GLN A 83 -2.60 16.39 -5.57
C GLN A 83 -1.31 16.17 -4.80
N ASP A 84 -1.09 17.02 -3.80
CA ASP A 84 0.05 16.86 -2.91
C ASP A 84 0.08 15.47 -2.33
N ILE A 85 1.28 15.01 -1.95
CA ILE A 85 1.45 13.73 -1.28
C ILE A 85 1.84 14.04 0.16
N GLN A 86 0.98 13.63 1.09
CA GLN A 86 1.17 13.97 2.50
C GLN A 86 2.35 13.21 3.10
N LYS A 87 3.03 13.87 4.03
CA LYS A 87 4.09 13.23 4.78
CA LYS A 87 4.09 13.21 4.77
C LYS A 87 3.51 12.10 5.64
N PRO A 88 4.25 11.01 5.86
CA PRO A 88 3.77 9.95 6.74
C PRO A 88 3.53 10.45 8.16
N ASP A 89 2.67 9.72 8.88
CA ASP A 89 2.30 10.13 10.23
C ASP A 89 3.51 10.27 11.14
N GLU A 90 4.53 9.46 10.92
CA GLU A 90 5.66 9.35 11.84
C GLU A 90 6.96 9.47 11.08
N ASP A 91 8.00 9.87 11.81
CA ASP A 91 9.37 9.91 11.30
C ASP A 91 10.24 8.84 11.95
N ASP A 92 9.69 8.09 12.90
CA ASP A 92 10.40 7.14 13.75
C ASP A 92 9.41 6.06 14.11
N TRP A 93 9.68 4.81 13.70
CA TRP A 93 8.70 3.74 13.79
C TRP A 93 8.96 2.77 14.95
N GLU A 94 9.85 3.14 15.88
CA GLU A 94 10.03 2.48 17.17
C GLU A 94 10.64 1.08 17.06
N SER A 95 10.15 0.24 16.17
CA SER A 95 10.58 -1.16 16.15
C SER A 95 10.10 -1.81 14.87
N GLY A 96 10.62 -3.01 14.62
CA GLY A 96 10.14 -3.80 13.49
C GLY A 96 8.70 -4.23 13.66
N LEU A 97 8.33 -4.65 14.88
CA LEU A 97 6.95 -5.03 15.13
C LEU A 97 5.99 -3.87 14.87
N ASN A 98 6.33 -2.68 15.37
CA ASN A 98 5.43 -1.55 15.22
C ASN A 98 5.31 -1.11 13.76
N ALA A 99 6.42 -1.16 13.02
CA ALA A 99 6.35 -0.88 11.59
C ALA A 99 5.43 -1.87 10.89
N MET A 100 5.53 -3.15 11.25
CA MET A 100 4.65 -4.14 10.65
C MET A 100 3.19 -3.86 10.96
N GLU A 101 2.89 -3.54 12.21
CA GLU A 101 1.50 -3.24 12.59
C GLU A 101 0.98 -2.01 11.86
N ALA A 102 1.82 -0.97 11.74
CA ALA A 102 1.46 0.21 10.96
C ALA A 102 1.18 -0.13 9.51
N ALA A 103 2.02 -0.98 8.92
CA ALA A 103 1.84 -1.37 7.53
C ALA A 103 0.55 -2.15 7.35
N LEU A 104 0.25 -3.05 8.29
CA LEU A 104 -1.01 -3.77 8.26
C LEU A 104 -2.20 -2.81 8.32
N HIS A 105 -2.10 -1.82 9.19
CA HIS A 105 -3.18 -0.84 9.29
C HIS A 105 -3.34 -0.07 7.98
N LEU A 106 -2.22 0.39 7.42
CA LEU A 106 -2.26 1.16 6.18
C LEU A 106 -2.87 0.33 5.05
N GLU A 107 -2.54 -0.96 4.98
CA GLU A 107 -3.08 -1.77 3.91
C GLU A 107 -4.56 -2.08 4.12
N LYS A 108 -5.02 -2.19 5.37
CA LYS A 108 -6.46 -2.29 5.59
C LYS A 108 -7.17 -1.01 5.17
N ASN A 109 -6.55 0.15 5.40
CA ASN A 109 -7.11 1.42 4.95
C ASN A 109 -7.29 1.44 3.44
N VAL A 110 -6.20 1.17 2.72
CA VAL A 110 -6.25 1.19 1.26
C VAL A 110 -7.22 0.14 0.76
N ASN A 111 -7.32 -1.00 1.45
CA ASN A 111 -8.27 -2.03 1.05
C ASN A 111 -9.70 -1.52 1.15
N GLN A 112 -10.05 -0.85 2.26
CA GLN A 112 -11.40 -0.34 2.40
CA GLN A 112 -11.40 -0.32 2.42
C GLN A 112 -11.70 0.71 1.33
N SER A 113 -10.70 1.55 1.01
CA SER A 113 -10.89 2.54 -0.04
C SER A 113 -11.17 1.86 -1.39
N LEU A 114 -10.43 0.80 -1.69
CA LEU A 114 -10.65 0.05 -2.92
C LEU A 114 -12.03 -0.62 -2.92
N LEU A 115 -12.44 -1.15 -1.77
CA LEU A 115 -13.74 -1.81 -1.71
C LEU A 115 -14.87 -0.81 -1.99
N GLU A 116 -14.78 0.40 -1.42
CA GLU A 116 -15.76 1.42 -1.73
C GLU A 116 -15.69 1.85 -3.18
N LEU A 117 -14.48 1.83 -3.78
CA LEU A 117 -14.38 2.13 -5.21
C LEU A 117 -15.07 1.06 -6.06
N HIS A 118 -14.88 -0.21 -5.72
CA HIS A 118 -15.56 -1.27 -6.45
C HIS A 118 -17.07 -1.17 -6.29
N LYS A 119 -17.53 -0.79 -5.09
CA LYS A 119 -18.95 -0.61 -4.87
C LYS A 119 -19.49 0.49 -5.78
N LEU A 120 -18.83 1.65 -5.79
CA LEU A 120 -19.23 2.73 -6.68
C LEU A 120 -19.22 2.29 -8.14
N ALA A 121 -18.25 1.44 -8.52
CA ALA A 121 -18.17 1.01 -9.91
C ALA A 121 -19.32 0.07 -10.27
N HIS A 122 -19.68 -0.84 -9.35
CA HIS A 122 -20.84 -1.70 -9.60
C HIS A 122 -22.13 -0.90 -9.61
N ASP A 123 -22.20 0.17 -8.82
CA ASP A 123 -23.43 0.95 -8.74
C ASP A 123 -23.65 1.79 -10.00
N LYS A 124 -22.59 2.42 -10.51
CA LYS A 124 -22.71 3.13 -11.78
C LYS A 124 -22.65 2.19 -12.99
N ASN A 125 -22.88 0.89 -12.75
CA ASN A 125 -22.89 -0.17 -13.75
C ASN A 125 -21.74 -0.01 -14.76
N ASP A 126 -20.52 0.08 -14.21
CA ASP A 126 -19.28 0.16 -14.95
C ASP A 126 -18.56 -1.17 -14.75
N PRO A 127 -18.93 -2.23 -15.50
CA PRO A 127 -18.38 -3.56 -15.18
C PRO A 127 -16.91 -3.69 -15.50
N HIS A 128 -16.42 -2.98 -16.51
CA HIS A 128 -14.99 -3.02 -16.83
C HIS A 128 -14.15 -2.48 -15.68
N LEU A 129 -14.56 -1.35 -15.10
CA LEU A 129 -13.82 -0.79 -13.98
C LEU A 129 -13.93 -1.70 -12.75
N ALA A 130 -15.12 -2.25 -12.52
CA ALA A 130 -15.29 -3.21 -11.44
C ALA A 130 -14.34 -4.39 -11.59
N ASP A 131 -14.18 -4.91 -12.81
CA ASP A 131 -13.30 -6.05 -13.01
C ASP A 131 -11.83 -5.65 -12.98
N PHE A 132 -11.50 -4.44 -13.41
CA PHE A 132 -10.14 -3.94 -13.25
C PHE A 132 -9.73 -3.95 -11.78
N ILE A 133 -10.63 -3.49 -10.89
CA ILE A 133 -10.35 -3.59 -9.46
C ILE A 133 -10.32 -5.05 -9.01
N GLU A 134 -11.30 -5.84 -9.44
CA GLU A 134 -11.35 -7.25 -9.06
C GLU A 134 -10.03 -7.96 -9.34
N THR A 135 -9.42 -7.64 -10.48
CA THR A 135 -8.25 -8.37 -11.00
C THR A 135 -6.94 -7.83 -10.44
N HIS A 136 -6.69 -6.53 -10.61
CA HIS A 136 -5.36 -5.99 -10.36
C HIS A 136 -5.16 -5.46 -8.94
N TYR A 137 -6.19 -5.47 -8.08
CA TYR A 137 -6.05 -4.79 -6.80
C TYR A 137 -6.62 -5.53 -5.61
N LEU A 138 -7.79 -6.16 -5.74
CA LEU A 138 -8.46 -6.71 -4.55
C LEU A 138 -7.66 -7.86 -3.95
N ASN A 139 -7.30 -8.84 -4.78
CA ASN A 139 -6.61 -10.02 -4.26
C ASN A 139 -5.20 -9.68 -3.79
N GLU A 140 -4.55 -8.71 -4.43
CA GLU A 140 -3.23 -8.28 -3.97
C GLU A 140 -3.31 -7.73 -2.55
N GLN A 141 -4.38 -6.99 -2.25
CA GLN A 141 -4.55 -6.47 -0.89
C GLN A 141 -4.87 -7.60 0.09
N VAL A 142 -5.67 -8.59 -0.32
CA VAL A 142 -5.95 -9.73 0.57
C VAL A 142 -4.65 -10.46 0.91
N LYS A 143 -3.81 -10.70 -0.08
CA LYS A 143 -2.52 -11.35 0.14
C LYS A 143 -1.64 -10.50 1.05
N ALA A 144 -1.55 -9.20 0.76
CA ALA A 144 -0.68 -8.32 1.54
C ALA A 144 -1.10 -8.30 3.00
N ILE A 145 -2.42 -8.27 3.26
CA ILE A 145 -2.87 -8.23 4.65
C ILE A 145 -2.58 -9.54 5.34
N LYS A 146 -2.84 -10.67 4.68
CA LYS A 146 -2.55 -11.95 5.32
C LYS A 146 -1.06 -12.09 5.61
N GLU A 147 -0.21 -11.58 4.72
CA GLU A 147 1.22 -11.69 4.93
C GLU A 147 1.67 -10.83 6.11
N LEU A 148 1.23 -9.56 6.14
CA LEU A 148 1.58 -8.70 7.27
C LEU A 148 1.06 -9.29 8.57
N GLY A 149 -0.10 -9.94 8.52
CA GLY A 149 -0.64 -10.56 9.72
C GLY A 149 0.23 -11.69 10.23
N ASP A 150 0.67 -12.57 9.31
CA ASP A 150 1.65 -13.60 9.66
C ASP A 150 2.89 -12.99 10.33
N HIS A 151 3.44 -11.94 9.71
CA HIS A 151 4.64 -11.30 10.25
C HIS A 151 4.40 -10.79 11.67
N VAL A 152 3.28 -10.10 11.88
CA VAL A 152 2.97 -9.57 13.20
C VAL A 152 2.83 -10.69 14.23
N THR A 153 2.13 -11.77 13.86
CA THR A 153 1.97 -12.89 14.79
C THR A 153 3.32 -13.47 15.17
N ASN A 154 4.16 -13.75 14.18
CA ASN A 154 5.46 -14.34 14.48
C ASN A 154 6.30 -13.43 15.35
N LEU A 155 6.43 -12.16 14.96
CA LEU A 155 7.21 -11.23 15.78
C LEU A 155 6.67 -11.18 17.21
N ARG A 156 5.35 -11.32 17.39
CA ARG A 156 4.80 -11.27 18.75
C ARG A 156 5.15 -12.53 19.53
N LYS A 157 4.98 -13.70 18.92
CA LYS A 157 5.27 -14.94 19.61
C LYS A 157 6.75 -15.05 19.97
N MET A 158 7.62 -14.27 19.33
CA MET A 158 9.03 -14.28 19.64
C MET A 158 9.41 -13.29 20.73
N GLY A 159 8.47 -12.51 21.23
CA GLY A 159 8.77 -11.56 22.28
C GLY A 159 9.21 -10.21 21.78
N ALA A 160 8.94 -9.88 20.53
CA ALA A 160 9.10 -8.52 20.07
C ALA A 160 8.01 -7.64 20.68
N PRO A 161 8.29 -6.34 20.90
CA PRO A 161 9.57 -5.68 20.59
C PRO A 161 10.55 -5.63 21.76
N GLU A 162 10.24 -6.32 22.86
CA GLU A 162 11.15 -6.35 24.00
C GLU A 162 12.46 -6.99 23.61
N SER A 163 12.42 -8.30 23.33
CA SER A 163 13.58 -9.05 22.86
C SER A 163 14.13 -8.46 21.56
N GLY A 164 15.29 -7.80 21.63
CA GLY A 164 15.97 -7.41 20.41
C GLY A 164 16.49 -8.61 19.63
N LEU A 165 16.76 -9.71 20.34
CA LEU A 165 17.06 -10.98 19.72
C LEU A 165 15.98 -11.42 18.74
N ALA A 166 14.71 -11.24 19.12
CA ALA A 166 13.61 -11.68 18.28
C ALA A 166 13.63 -10.96 16.93
N GLU A 167 13.70 -9.63 16.94
CA GLU A 167 13.73 -8.89 15.68
C GLU A 167 14.98 -9.23 14.87
N TYR A 168 16.13 -9.38 15.53
CA TYR A 168 17.32 -9.73 14.77
C TYR A 168 17.17 -11.08 14.07
N LEU A 169 16.59 -12.07 14.76
CA LEU A 169 16.47 -13.39 14.15
C LEU A 169 15.41 -13.40 13.06
N PHE A 170 14.29 -12.71 13.30
CA PHE A 170 13.26 -12.62 12.28
C PHE A 170 13.81 -12.00 11.01
N ASP A 171 14.57 -10.91 11.15
CA ASP A 171 15.17 -10.25 10.00
C ASP A 171 15.95 -11.23 9.12
N LYS A 172 16.62 -12.20 9.76
CA LYS A 172 17.49 -13.12 9.04
C LYS A 172 16.75 -14.34 8.49
N HIS A 173 15.82 -14.88 9.25
CA HIS A 173 15.22 -16.18 8.96
C HIS A 173 13.91 -16.06 8.19
N THR A 174 13.31 -14.87 8.12
CA THR A 174 12.07 -14.68 7.40
C THR A 174 12.19 -13.67 6.27
N LEU A 175 12.80 -12.52 6.51
CA LEU A 175 12.91 -11.51 5.47
C LEU A 175 14.15 -11.66 4.60
N GLY A 176 15.07 -12.58 4.94
CA GLY A 176 16.14 -12.96 4.04
C GLY A 176 15.65 -13.89 2.93
N ASP A 177 15.34 -15.13 3.31
CA ASP A 177 14.68 -16.10 2.41
C ASP A 177 14.22 -17.33 3.20
C02 V9Y B . -32.09 -3.17 -6.08
C05 V9Y B . -30.96 -3.61 -7.02
C06 V9Y B . -30.81 -3.19 -8.33
C07 V9Y B . -29.68 -3.81 -8.83
C08 V9Y B . -29.17 -4.61 -7.83
C09 V9Y B . -27.91 -5.48 -7.96
N03 V9Y B . -31.81 -2.27 -4.98
N10 V9Y B . -28.02 -6.92 -8.00
O01 V9Y B . -33.20 -3.55 -6.25
O04 V9Y B . -32.88 -1.89 -4.15
O11 V9Y B . -26.85 -7.67 -8.12
O12 V9Y B . -26.85 -4.96 -8.03
O13 V9Y B . -29.96 -4.46 -6.75
NI NI C . -1.67 -0.51 -3.17
NI NI D . -25.42 -6.30 -8.44
NI NI E . 19.61 -19.58 12.65
NA NA F . -14.10 -10.95 -12.62
#